data_3RO2
#
_entry.id   3RO2
#
_cell.length_a   91.305
_cell.length_b   91.305
_cell.length_c   178.376
_cell.angle_alpha   90.00
_cell.angle_beta   90.00
_cell.angle_gamma   120.00
#
_symmetry.space_group_name_H-M   'P 61 2 2'
#
loop_
_entity.id
_entity.type
_entity.pdbx_description
1 polymer 'G-protein-signaling modulator 2'
2 polymer 'peptide of Nuclear mitotic apparatus protein 1'
3 non-polymer GLYCEROL
4 water water
#
loop_
_entity_poly.entity_id
_entity_poly.type
_entity_poly.pdbx_seq_one_letter_code
_entity_poly.pdbx_strand_id
1 'polypeptide(L)'
;GSASCLELALEGERLCKSGDCRAGVSFFEAAVQVGTEDLKTLSAIYSQLGNAYFYLHDYAKALEYHHHDLTLARTIGDQL
GEAKASGNLGNTLKVLGNFDEAIVCCQRHLDISRELNDKVGEARALYNLGNVYHAKGKSFGCPGPQDTGEFPEDVRNALQ
AAVDLYEENLSLVTALGDRAAQGRAFGNLGNTHYLLGNFRDAVIAHEQRLLIAKEFGDKAAERRAYSNLGNAYIFLGEFE
TASEYYKKTLLLARQLKDRAVEAQSCYSLGNTYTLLQDYEKAIDYHLKHLAIAQELKDRIGEGRACWSLGNAYTALGNHD
QAMHFAEKHLEISREVGD
;
A
2 'polypeptide(L)' RNSFYMGTCQDEPEQLDDWNRIAELQQR B
#
loop_
_chem_comp.id
_chem_comp.type
_chem_comp.name
_chem_comp.formula
GOL non-polymer GLYCEROL 'C3 H8 O3'
#
# COMPACT_ATOMS: atom_id res chain seq x y z
N GLY A 1 -25.40 12.38 28.52
CA GLY A 1 -24.36 11.39 28.94
C GLY A 1 -24.11 10.36 27.85
N SER A 2 -24.93 9.30 27.86
CA SER A 2 -24.96 8.31 26.79
C SER A 2 -25.27 9.01 25.45
N ALA A 3 -26.15 10.01 25.50
CA ALA A 3 -26.55 10.78 24.33
C ALA A 3 -25.44 11.71 23.80
N SER A 4 -24.75 12.40 24.69
CA SER A 4 -23.68 13.31 24.27
C SER A 4 -22.38 12.59 23.94
N CYS A 5 -22.16 11.41 24.54
CA CYS A 5 -21.07 10.53 24.13
C CYS A 5 -21.26 10.19 22.65
N LEU A 6 -22.47 9.76 22.30
CA LEU A 6 -22.79 9.42 20.92
C LEU A 6 -22.61 10.62 20.00
N GLU A 7 -23.04 11.80 20.47
CA GLU A 7 -22.94 13.02 19.68
C GLU A 7 -21.48 13.38 19.38
N LEU A 8 -20.60 13.23 20.37
CA LEU A 8 -19.19 13.52 20.16
C LEU A 8 -18.54 12.51 19.21
N ALA A 9 -18.91 11.25 19.37
CA ALA A 9 -18.42 10.17 18.52
C ALA A 9 -18.79 10.39 17.05
N LEU A 10 -20.04 10.74 16.80
CA LEU A 10 -20.51 11.06 15.44
C LEU A 10 -19.68 12.16 14.78
N GLU A 11 -19.32 13.18 15.57
CA GLU A 11 -18.54 14.31 15.07
C GLU A 11 -17.12 13.88 14.76
N GLY A 12 -16.54 13.07 15.65
CA GLY A 12 -15.25 12.44 15.40
C GLY A 12 -15.22 11.67 14.09
N GLU A 13 -16.29 10.90 13.85
CA GLU A 13 -16.39 10.08 12.66
C GLU A 13 -16.55 10.92 11.40
N ARG A 14 -17.29 12.02 11.51
CA ARG A 14 -17.46 12.95 10.40
C ARG A 14 -16.11 13.53 9.97
N LEU A 15 -15.31 13.92 10.95
CA LEU A 15 -14.03 14.58 10.69
C LEU A 15 -13.00 13.66 10.04
N CYS A 16 -12.88 12.43 10.57
CA CYS A 16 -12.00 11.43 9.96
C CYS A 16 -12.36 11.16 8.50
N LYS A 17 -13.65 10.96 8.25
CA LYS A 17 -14.17 10.72 6.90
C LYS A 17 -13.78 11.84 5.93
N SER A 18 -13.82 13.09 6.40
CA SER A 18 -13.52 14.25 5.58
C SER A 18 -12.01 14.54 5.50
N GLY A 19 -11.20 13.63 6.01
CA GLY A 19 -9.75 13.77 5.95
C GLY A 19 -9.08 14.57 7.07
N ASP A 20 -9.79 14.75 8.18
CA ASP A 20 -9.21 15.42 9.35
C ASP A 20 -9.18 14.47 10.55
N CYS A 21 -8.31 13.46 10.48
CA CYS A 21 -8.16 12.48 11.55
C CYS A 21 -7.55 13.07 12.82
N ARG A 22 -6.67 14.05 12.67
CA ARG A 22 -6.12 14.73 13.85
C ARG A 22 -7.22 15.33 14.72
N ALA A 23 -8.21 15.98 14.08
CA ALA A 23 -9.33 16.59 14.81
C ALA A 23 -10.35 15.56 15.26
N GLY A 24 -10.59 14.55 14.43
CA GLY A 24 -11.58 13.53 14.72
C GLY A 24 -11.18 12.66 15.91
N VAL A 25 -9.90 12.32 15.97
CA VAL A 25 -9.31 11.56 17.05
C VAL A 25 -9.65 12.18 18.40
N SER A 26 -9.46 13.48 18.52
CA SER A 26 -9.67 14.10 19.83
C SER A 26 -11.17 14.22 20.19
N PHE A 27 -12.04 14.23 19.20
CA PHE A 27 -13.48 14.04 19.47
C PHE A 27 -13.79 12.61 19.96
N PHE A 28 -13.12 11.61 19.40
CA PHE A 28 -13.29 10.24 19.91
C PHE A 28 -12.84 10.12 21.37
N GLU A 29 -11.69 10.72 21.69
CA GLU A 29 -11.12 10.68 23.04
CA GLU A 29 -11.12 10.68 23.04
C GLU A 29 -12.03 11.38 24.05
N ALA A 30 -12.64 12.49 23.62
CA ALA A 30 -13.59 13.22 24.46
C ALA A 30 -14.82 12.36 24.71
N ALA A 31 -15.25 11.64 23.68
CA ALA A 31 -16.38 10.71 23.78
C ALA A 31 -16.12 9.62 24.80
N VAL A 32 -14.88 9.09 24.79
CA VAL A 32 -14.48 8.07 25.76
C VAL A 32 -14.40 8.67 27.15
N GLN A 33 -13.97 9.93 27.23
CA GLN A 33 -13.86 10.63 28.51
C GLN A 33 -15.24 10.86 29.13
N VAL A 34 -16.23 11.21 28.29
CA VAL A 34 -17.62 11.32 28.73
C VAL A 34 -18.20 9.93 29.07
N GLY A 35 -17.96 8.95 28.20
CA GLY A 35 -18.36 7.58 28.44
C GLY A 35 -19.83 7.27 28.22
N THR A 36 -20.13 5.98 28.09
CA THR A 36 -21.48 5.49 27.85
C THR A 36 -21.64 4.06 28.39
N GLU A 37 -22.90 3.71 28.70
CA GLU A 37 -23.24 2.37 29.15
C GLU A 37 -23.54 1.41 27.99
N ASP A 38 -23.72 1.95 26.79
CA ASP A 38 -23.98 1.11 25.61
C ASP A 38 -22.65 0.59 25.08
N LEU A 39 -22.37 -0.67 25.38
CA LEU A 39 -21.07 -1.26 25.08
C LEU A 39 -20.86 -1.50 23.59
N LYS A 40 -21.94 -1.70 22.86
CA LYS A 40 -21.84 -1.72 21.40
C LYS A 40 -21.32 -0.38 20.86
N THR A 41 -21.86 0.73 21.37
CA THR A 41 -21.36 2.07 21.01
C THR A 41 -19.90 2.24 21.40
N LEU A 42 -19.57 1.91 22.65
CA LEU A 42 -18.21 2.09 23.16
C LEU A 42 -17.20 1.29 22.34
N SER A 43 -17.57 0.06 21.99
CA SER A 43 -16.74 -0.80 21.16
C SER A 43 -16.42 -0.15 19.81
N ALA A 44 -17.45 0.42 19.19
CA ALA A 44 -17.31 1.08 17.90
C ALA A 44 -16.46 2.36 18.01
N ILE A 45 -16.56 3.06 19.12
CA ILE A 45 -15.69 4.21 19.35
C ILE A 45 -14.22 3.77 19.43
N TYR A 46 -13.93 2.72 20.19
CA TYR A 46 -12.57 2.20 20.30
C TYR A 46 -12.02 1.83 18.93
N SER A 47 -12.85 1.13 18.15
CA SER A 47 -12.47 0.70 16.80
C SER A 47 -12.17 1.88 15.88
N GLN A 48 -12.97 2.93 15.96
CA GLN A 48 -12.76 4.13 15.14
C GLN A 48 -11.51 4.90 15.57
N LEU A 49 -11.21 4.86 16.86
CA LEU A 49 -9.96 5.41 17.40
C LEU A 49 -8.77 4.63 16.87
N GLY A 50 -8.86 3.31 16.92
CA GLY A 50 -7.82 2.44 16.34
C GLY A 50 -7.60 2.75 14.87
N ASN A 51 -8.69 2.92 14.13
CA ASN A 51 -8.63 3.26 12.70
C ASN A 51 -8.01 4.63 12.46
N ALA A 52 -8.38 5.61 13.28
CA ALA A 52 -7.84 6.96 13.14
C ALA A 52 -6.35 6.99 13.44
N TYR A 53 -5.96 6.32 14.54
CA TYR A 53 -4.54 6.23 14.87
C TYR A 53 -3.70 5.46 13.85
N PHE A 54 -4.28 4.42 13.25
CA PHE A 54 -3.64 3.67 12.17
C PHE A 54 -3.34 4.61 11.00
N TYR A 55 -4.35 5.38 10.58
CA TYR A 55 -4.19 6.33 9.46
C TYR A 55 -3.19 7.45 9.80
N LEU A 56 -3.05 7.76 11.08
CA LEU A 56 -2.06 8.73 11.56
C LEU A 56 -0.68 8.10 11.81
N HIS A 57 -0.55 6.82 11.49
CA HIS A 57 0.72 6.07 11.60
C HIS A 57 1.17 5.81 13.04
N ASP A 58 0.23 5.87 13.97
CA ASP A 58 0.51 5.46 15.32
C ASP A 58 -0.01 4.05 15.53
N TYR A 59 0.77 3.08 15.07
CA TYR A 59 0.35 1.68 15.01
C TYR A 59 0.22 1.05 16.40
N ALA A 60 1.14 1.39 17.29
CA ALA A 60 1.07 0.97 18.70
C ALA A 60 -0.27 1.34 19.33
N LYS A 61 -0.66 2.61 19.26
CA LYS A 61 -1.97 3.04 19.75
C LYS A 61 -3.15 2.36 19.04
N ALA A 62 -3.07 2.26 17.73
CA ALA A 62 -4.08 1.56 16.95
C ALA A 62 -4.27 0.13 17.50
N LEU A 63 -3.17 -0.60 17.68
CA LEU A 63 -3.21 -1.96 18.21
C LEU A 63 -3.93 -2.03 19.56
N GLU A 64 -3.65 -1.08 20.45
CA GLU A 64 -4.25 -1.09 21.79
C GLU A 64 -5.77 -0.90 21.72
N TYR A 65 -6.21 0.02 20.86
CA TYR A 65 -7.64 0.29 20.73
C TYR A 65 -8.42 -0.85 20.07
N HIS A 66 -7.84 -1.47 19.05
CA HIS A 66 -8.46 -2.64 18.43
C HIS A 66 -8.59 -3.80 19.42
N HIS A 67 -7.60 -3.94 20.30
CA HIS A 67 -7.56 -4.95 21.36
CA HIS A 67 -7.58 -4.96 21.34
C HIS A 67 -8.70 -4.75 22.36
N HIS A 68 -8.94 -3.50 22.75
CA HIS A 68 -10.08 -3.16 23.61
C HIS A 68 -11.39 -3.46 22.89
N ASP A 69 -11.48 -3.09 21.62
CA ASP A 69 -12.68 -3.36 20.84
C ASP A 69 -12.94 -4.86 20.75
N LEU A 70 -11.92 -5.64 20.38
CA LEU A 70 -12.03 -7.09 20.36
C LEU A 70 -12.56 -7.67 21.67
N THR A 71 -11.93 -7.27 22.78
CA THR A 71 -12.27 -7.84 24.07
C THR A 71 -13.72 -7.51 24.44
N LEU A 72 -14.11 -6.26 24.19
CA LEU A 72 -15.44 -5.78 24.51
C LEU A 72 -16.50 -6.49 23.66
N ALA A 73 -16.20 -6.65 22.37
CA ALA A 73 -17.07 -7.42 21.46
C ALA A 73 -17.30 -8.83 21.98
N ARG A 74 -16.29 -9.40 22.63
CA ARG A 74 -16.40 -10.73 23.20
C ARG A 74 -17.27 -10.74 24.45
N THR A 75 -17.06 -9.77 25.33
CA THR A 75 -17.81 -9.72 26.59
C THR A 75 -19.32 -9.60 26.35
N ILE A 76 -19.73 -8.86 25.32
CA ILE A 76 -21.15 -8.70 25.00
C ILE A 76 -21.69 -9.76 24.04
N GLY A 77 -20.79 -10.58 23.48
CA GLY A 77 -21.20 -11.67 22.58
C GLY A 77 -21.53 -11.21 21.16
N ASP A 78 -20.91 -10.12 20.73
CA ASP A 78 -21.13 -9.56 19.40
C ASP A 78 -20.13 -10.17 18.43
N GLN A 79 -20.56 -11.20 17.69
CA GLN A 79 -19.69 -11.92 16.77
C GLN A 79 -19.24 -11.08 15.58
N LEU A 80 -20.16 -10.26 15.04
CA LEU A 80 -19.83 -9.38 13.90
C LEU A 80 -18.78 -8.35 14.28
N GLY A 81 -18.93 -7.79 15.47
CA GLY A 81 -17.97 -6.86 16.03
C GLY A 81 -16.65 -7.56 16.30
N GLU A 82 -16.71 -8.79 16.81
CA GLU A 82 -15.49 -9.57 17.09
C GLU A 82 -14.70 -9.85 15.82
N ALA A 83 -15.41 -10.20 14.76
CA ALA A 83 -14.78 -10.47 13.45
C ALA A 83 -14.09 -9.23 12.88
N LYS A 84 -14.79 -8.10 12.92
CA LYS A 84 -14.24 -6.85 12.39
C LYS A 84 -13.03 -6.38 13.21
N ALA A 85 -13.12 -6.47 14.54
CA ALA A 85 -12.02 -6.12 15.42
C ALA A 85 -10.78 -6.99 15.15
N SER A 86 -10.98 -8.31 14.97
CA SER A 86 -9.90 -9.25 14.62
C SER A 86 -9.23 -8.92 13.29
N GLY A 87 -10.03 -8.51 12.32
CA GLY A 87 -9.50 -8.03 11.03
C GLY A 87 -8.64 -6.79 11.20
N ASN A 88 -9.13 -5.83 11.98
CA ASN A 88 -8.39 -4.61 12.23
C ASN A 88 -7.10 -4.84 13.01
N LEU A 89 -7.14 -5.73 13.99
CA LEU A 89 -5.92 -6.15 14.70
C LEU A 89 -4.91 -6.77 13.77
N GLY A 90 -5.37 -7.68 12.91
CA GLY A 90 -4.50 -8.34 11.95
C GLY A 90 -3.81 -7.37 10.99
N ASN A 91 -4.57 -6.43 10.44
CA ASN A 91 -3.98 -5.41 9.57
C ASN A 91 -2.93 -4.57 10.29
N THR A 92 -3.17 -4.30 11.57
CA THR A 92 -2.24 -3.51 12.38
C THR A 92 -0.98 -4.31 12.71
N LEU A 93 -1.17 -5.58 13.10
CA LEU A 93 -0.05 -6.47 13.42
C LEU A 93 0.86 -6.68 12.21
N LYS A 94 0.25 -6.73 11.03
CA LYS A 94 0.97 -6.84 9.77
C LYS A 94 1.91 -5.64 9.55
N VAL A 95 1.40 -4.43 9.70
CA VAL A 95 2.23 -3.24 9.55
C VAL A 95 3.37 -3.28 10.58
N LEU A 96 3.06 -3.72 11.80
CA LEU A 96 4.07 -3.86 12.87
C LEU A 96 5.04 -5.04 12.68
N GLY A 97 4.76 -5.87 11.69
CA GLY A 97 5.61 -7.01 11.38
C GLY A 97 5.40 -8.22 12.26
N ASN A 98 4.25 -8.27 12.94
CA ASN A 98 3.82 -9.46 13.68
C ASN A 98 3.03 -10.40 12.77
N PHE A 99 3.70 -10.94 11.76
CA PHE A 99 3.00 -11.68 10.70
C PHE A 99 2.28 -12.92 11.22
N ASP A 100 2.92 -13.65 12.13
CA ASP A 100 2.34 -14.86 12.71
C ASP A 100 1.01 -14.58 13.41
N GLU A 101 0.97 -13.51 14.21
CA GLU A 101 -0.27 -13.14 14.91
C GLU A 101 -1.27 -12.49 13.97
N ALA A 102 -0.77 -11.76 12.98
CA ALA A 102 -1.64 -11.17 11.95
C ALA A 102 -2.45 -12.26 11.23
N ILE A 103 -1.80 -13.37 10.90
CA ILE A 103 -2.46 -14.50 10.24
C ILE A 103 -3.60 -15.04 11.08
N VAL A 104 -3.31 -15.36 12.34
CA VAL A 104 -4.34 -15.81 13.28
C VAL A 104 -5.55 -14.87 13.36
N CYS A 105 -5.29 -13.57 13.53
CA CYS A 105 -6.34 -12.57 13.65
C CYS A 105 -7.18 -12.45 12.38
N CYS A 106 -6.53 -12.38 11.23
CA CYS A 106 -7.26 -12.29 9.97
C CYS A 106 -8.04 -13.58 9.68
N GLN A 107 -7.50 -14.73 10.07
CA GLN A 107 -8.19 -16.00 9.91
C GLN A 107 -9.45 -16.07 10.75
N ARG A 108 -9.41 -15.44 11.94
CA ARG A 108 -10.57 -15.36 12.82
C ARG A 108 -11.70 -14.54 12.17
N HIS A 109 -11.35 -13.38 11.65
CA HIS A 109 -12.27 -12.55 10.88
C HIS A 109 -12.96 -13.36 9.77
N LEU A 110 -12.16 -14.13 9.02
CA LEU A 110 -12.63 -14.95 7.92
C LEU A 110 -13.56 -16.07 8.42
N ASP A 111 -13.11 -16.77 9.47
CA ASP A 111 -13.85 -17.89 10.02
C ASP A 111 -15.22 -17.47 10.56
N ILE A 112 -15.25 -16.40 11.35
CA ILE A 112 -16.51 -15.85 11.87
C ILE A 112 -17.42 -15.36 10.74
N SER A 113 -16.86 -14.67 9.73
CA SER A 113 -17.65 -14.18 8.59
C SER A 113 -18.31 -15.32 7.83
N ARG A 114 -17.59 -16.43 7.67
CA ARG A 114 -18.15 -17.61 7.03
C ARG A 114 -19.20 -18.28 7.92
N GLU A 115 -18.93 -18.35 9.23
CA GLU A 115 -19.88 -18.92 10.18
C GLU A 115 -21.22 -18.17 10.11
N LEU A 116 -21.16 -16.85 9.93
CA LEU A 116 -22.34 -16.01 9.92
C LEU A 116 -22.93 -15.79 8.52
N ASN A 117 -22.26 -16.31 7.49
CA ASN A 117 -22.65 -16.10 6.09
C ASN A 117 -22.61 -14.62 5.70
N ASP A 118 -21.62 -13.91 6.21
CA ASP A 118 -21.40 -12.52 5.84
C ASP A 118 -20.38 -12.46 4.70
N LYS A 119 -20.88 -12.34 3.47
CA LYS A 119 -20.03 -12.39 2.27
C LYS A 119 -19.13 -11.17 2.09
N VAL A 120 -19.61 -10.01 2.52
CA VAL A 120 -18.81 -8.79 2.47
C VAL A 120 -17.63 -8.93 3.43
N GLY A 121 -17.92 -9.33 4.66
CA GLY A 121 -16.87 -9.61 5.64
C GLY A 121 -15.90 -10.69 5.16
N GLU A 122 -16.44 -11.72 4.54
CA GLU A 122 -15.63 -12.81 4.02
C GLU A 122 -14.65 -12.30 2.98
N ALA A 123 -15.15 -11.52 2.02
CA ALA A 123 -14.27 -10.98 0.96
C ALA A 123 -13.16 -10.11 1.55
N ARG A 124 -13.51 -9.16 2.43
CA ARG A 124 -12.53 -8.31 3.11
C ARG A 124 -11.45 -9.14 3.82
N ALA A 125 -11.88 -10.14 4.58
CA ALA A 125 -10.99 -10.99 5.33
C ALA A 125 -10.02 -11.74 4.43
N LEU A 126 -10.45 -12.13 3.23
CA LEU A 126 -9.56 -12.84 2.31
C LEU A 126 -8.50 -11.88 1.76
N TYR A 127 -8.93 -10.67 1.44
CA TYR A 127 -8.03 -9.62 1.00
C TYR A 127 -6.97 -9.32 2.06
N ASN A 128 -7.43 -9.15 3.29
CA ASN A 128 -6.55 -8.85 4.43
C ASN A 128 -5.55 -9.95 4.69
N LEU A 129 -6.02 -11.19 4.65
CA LEU A 129 -5.17 -12.35 4.87
C LEU A 129 -4.13 -12.47 3.76
N GLY A 130 -4.56 -12.27 2.51
CA GLY A 130 -3.63 -12.21 1.38
C GLY A 130 -2.56 -11.15 1.61
N ASN A 131 -2.97 -9.97 2.08
CA ASN A 131 -2.04 -8.88 2.37
C ASN A 131 -0.97 -9.25 3.40
N VAL A 132 -1.35 -10.02 4.42
CA VAL A 132 -0.41 -10.45 5.46
C VAL A 132 0.66 -11.37 4.89
N TYR A 133 0.24 -12.39 4.15
CA TYR A 133 1.17 -13.28 3.46
C TYR A 133 2.05 -12.53 2.44
N HIS A 134 1.43 -11.59 1.72
CA HIS A 134 2.14 -10.73 0.78
C HIS A 134 3.24 -9.95 1.50
N ALA A 135 2.88 -9.22 2.56
CA ALA A 135 3.87 -8.48 3.34
C ALA A 135 4.96 -9.39 3.94
N LYS A 136 4.55 -10.53 4.50
CA LYS A 136 5.49 -11.51 5.03
C LYS A 136 6.53 -11.95 4.00
N GLY A 137 6.07 -12.36 2.83
CA GLY A 137 6.98 -12.82 1.78
C GLY A 137 7.87 -11.68 1.30
N LYS A 138 7.31 -10.48 1.26
CA LYS A 138 7.99 -9.30 0.78
C LYS A 138 9.07 -8.84 1.75
N SER A 139 8.92 -9.20 3.02
CA SER A 139 9.83 -8.75 4.06
C SER A 139 11.22 -9.40 3.99
N PHE A 140 11.33 -10.55 3.32
CA PHE A 140 12.64 -11.21 3.22
C PHE A 140 13.65 -10.40 2.41
N GLY A 141 14.89 -10.38 2.94
CA GLY A 141 16.09 -9.93 2.23
C GLY A 141 15.92 -8.74 1.32
N CYS A 142 16.55 -8.84 0.14
CA CYS A 142 16.43 -7.82 -0.89
C CYS A 142 14.97 -7.70 -1.38
N PRO A 143 14.51 -6.46 -1.61
CA PRO A 143 13.21 -6.22 -2.26
C PRO A 143 13.26 -6.59 -3.74
N GLY A 144 12.09 -6.82 -4.33
CA GLY A 144 12.00 -7.30 -5.71
C GLY A 144 12.10 -8.82 -5.80
N PRO A 145 12.00 -9.37 -7.03
CA PRO A 145 11.99 -10.82 -7.24
C PRO A 145 13.38 -11.45 -7.30
N GLN A 146 13.42 -12.77 -7.10
CA GLN A 146 14.62 -13.58 -7.34
C GLN A 146 14.23 -15.01 -7.74
N PHE A 151 16.98 -18.50 -2.32
CA PHE A 151 16.40 -17.83 -1.16
C PHE A 151 15.31 -18.70 -0.50
N PRO A 152 14.89 -18.35 0.74
CA PRO A 152 14.15 -19.26 1.61
C PRO A 152 12.79 -19.68 1.11
N GLU A 153 12.54 -20.97 1.13
CA GLU A 153 11.24 -21.55 0.77
C GLU A 153 10.03 -20.81 1.34
N ASP A 154 10.13 -20.29 2.55
CA ASP A 154 9.01 -19.62 3.23
C ASP A 154 8.58 -18.34 2.54
N VAL A 155 9.52 -17.69 1.83
CA VAL A 155 9.21 -16.52 1.02
C VAL A 155 8.22 -16.93 -0.07
N ARG A 156 8.61 -17.92 -0.88
CA ARG A 156 7.77 -18.42 -1.96
C ARG A 156 6.45 -18.96 -1.44
N ASN A 157 6.50 -19.71 -0.33
CA ASN A 157 5.27 -20.25 0.28
C ASN A 157 4.26 -19.17 0.67
N ALA A 158 4.76 -18.09 1.27
CA ALA A 158 3.91 -16.98 1.70
C ALA A 158 3.30 -16.26 0.50
N LEU A 159 4.12 -16.02 -0.52
CA LEU A 159 3.65 -15.32 -1.71
C LEU A 159 2.63 -16.15 -2.48
N GLN A 160 2.84 -17.46 -2.52
CA GLN A 160 1.91 -18.32 -3.24
C GLN A 160 0.57 -18.35 -2.50
N ALA A 161 0.62 -18.41 -1.17
CA ALA A 161 -0.59 -18.34 -0.34
C ALA A 161 -1.34 -17.02 -0.57
N ALA A 162 -0.62 -15.91 -0.71
CA ALA A 162 -1.24 -14.62 -1.06
C ALA A 162 -1.94 -14.63 -2.43
N VAL A 163 -1.32 -15.27 -3.43
CA VAL A 163 -1.93 -15.41 -4.75
C VAL A 163 -3.27 -16.16 -4.63
N ASP A 164 -3.25 -17.32 -3.97
CA ASP A 164 -4.48 -18.10 -3.76
C ASP A 164 -5.56 -17.27 -3.05
N LEU A 165 -5.20 -16.51 -2.03
CA LEU A 165 -6.17 -15.68 -1.31
C LEU A 165 -6.72 -14.53 -2.13
N TYR A 166 -5.86 -13.86 -2.91
CA TYR A 166 -6.31 -12.80 -3.80
C TYR A 166 -7.25 -13.32 -4.88
N GLU A 167 -6.92 -14.48 -5.45
CA GLU A 167 -7.77 -15.12 -6.45
C GLU A 167 -9.15 -15.47 -5.90
N GLU A 168 -9.19 -15.96 -4.66
CA GLU A 168 -10.46 -16.26 -4.02
C GLU A 168 -11.22 -14.97 -3.69
N ASN A 169 -10.50 -13.95 -3.24
CA ASN A 169 -11.14 -12.68 -2.96
C ASN A 169 -11.80 -12.12 -4.22
N LEU A 170 -11.04 -12.19 -5.32
CA LEU A 170 -11.46 -11.64 -6.60
C LEU A 170 -12.74 -12.33 -7.09
N SER A 171 -12.76 -13.65 -6.94
CA SER A 171 -13.93 -14.43 -7.30
C SER A 171 -15.16 -13.94 -6.53
N LEU A 172 -14.99 -13.69 -5.24
CA LEU A 172 -16.08 -13.24 -4.39
C LEU A 172 -16.54 -11.80 -4.67
N VAL A 173 -15.60 -10.88 -4.88
CA VAL A 173 -16.00 -9.48 -5.15
C VAL A 173 -16.57 -9.29 -6.55
N THR A 174 -16.28 -10.23 -7.45
CA THR A 174 -16.93 -10.24 -8.75
C THR A 174 -18.42 -10.58 -8.59
N ALA A 175 -18.70 -11.59 -7.78
CA ALA A 175 -20.08 -11.98 -7.48
C ALA A 175 -20.83 -10.88 -6.74
N LEU A 176 -20.12 -10.06 -5.95
CA LEU A 176 -20.73 -8.95 -5.23
C LEU A 176 -20.84 -7.68 -6.07
N GLY A 177 -20.19 -7.65 -7.22
CA GLY A 177 -20.18 -6.46 -8.09
C GLY A 177 -19.36 -5.30 -7.56
N ASP A 178 -18.31 -5.58 -6.80
CA ASP A 178 -17.52 -4.56 -6.13
C ASP A 178 -16.29 -4.22 -6.96
N ARG A 179 -16.41 -3.17 -7.80
CA ARG A 179 -15.37 -2.80 -8.77
C ARG A 179 -14.12 -2.31 -8.07
N ALA A 180 -14.28 -1.43 -7.09
CA ALA A 180 -13.14 -0.88 -6.35
C ALA A 180 -12.34 -1.99 -5.67
N ALA A 181 -13.04 -2.97 -5.10
CA ALA A 181 -12.37 -4.07 -4.42
C ALA A 181 -11.60 -4.93 -5.41
N GLN A 182 -12.16 -5.11 -6.61
CA GLN A 182 -11.45 -5.81 -7.69
C GLN A 182 -10.15 -5.12 -8.05
N GLY A 183 -10.18 -3.79 -8.17
CA GLY A 183 -8.98 -3.02 -8.49
C GLY A 183 -7.90 -3.29 -7.46
N ARG A 184 -8.27 -3.27 -6.19
CA ARG A 184 -7.33 -3.48 -5.11
C ARG A 184 -6.71 -4.87 -5.17
N ALA A 185 -7.55 -5.90 -5.38
CA ALA A 185 -7.03 -7.26 -5.46
C ALA A 185 -6.15 -7.45 -6.69
N PHE A 186 -6.54 -6.87 -7.83
CA PHE A 186 -5.72 -6.96 -9.04
C PHE A 186 -4.36 -6.34 -8.81
N GLY A 187 -4.34 -5.17 -8.17
CA GLY A 187 -3.10 -4.49 -7.87
C GLY A 187 -2.18 -5.36 -7.04
N ASN A 188 -2.67 -5.86 -5.90
CA ASN A 188 -1.82 -6.64 -5.01
C ASN A 188 -1.42 -7.99 -5.58
N LEU A 189 -2.32 -8.62 -6.33
CA LEU A 189 -2.02 -9.86 -7.05
C LEU A 189 -0.88 -9.65 -8.04
N GLY A 190 -0.91 -8.53 -8.75
CA GLY A 190 0.10 -8.22 -9.75
C GLY A 190 1.47 -8.12 -9.12
N ASN A 191 1.56 -7.39 -8.01
CA ASN A 191 2.81 -7.25 -7.28
C ASN A 191 3.25 -8.54 -6.62
N THR A 192 2.28 -9.38 -6.24
CA THR A 192 2.60 -10.70 -5.69
C THR A 192 3.21 -11.60 -6.77
N HIS A 193 2.60 -11.60 -7.97
CA HIS A 193 3.15 -12.33 -9.12
C HIS A 193 4.55 -11.83 -9.52
N TYR A 194 4.72 -10.51 -9.48
CA TYR A 194 5.98 -9.88 -9.76
C TYR A 194 7.08 -10.44 -8.85
N LEU A 195 6.82 -10.47 -7.55
CA LEU A 195 7.77 -10.96 -6.57
C LEU A 195 8.05 -12.46 -6.75
N LEU A 196 7.09 -13.20 -7.29
CA LEU A 196 7.27 -14.61 -7.57
C LEU A 196 8.01 -14.90 -8.87
N GLY A 197 8.24 -13.86 -9.68
CA GLY A 197 8.88 -14.05 -10.98
C GLY A 197 7.88 -14.37 -12.09
N ASN A 198 6.58 -14.29 -11.77
CA ASN A 198 5.51 -14.54 -12.75
C ASN A 198 5.18 -13.23 -13.47
N PHE A 199 6.09 -12.80 -14.34
CA PHE A 199 5.99 -11.45 -14.90
C PHE A 199 4.83 -11.24 -15.86
N ARG A 200 4.57 -12.21 -16.73
CA ARG A 200 3.39 -12.15 -17.60
C ARG A 200 2.11 -12.10 -16.79
N ASP A 201 2.07 -12.83 -15.67
CA ASP A 201 0.90 -12.82 -14.80
C ASP A 201 0.74 -11.47 -14.08
N ALA A 202 1.87 -10.84 -13.73
CA ALA A 202 1.86 -9.52 -13.11
C ALA A 202 1.27 -8.48 -14.07
N VAL A 203 1.62 -8.60 -15.34
CA VAL A 203 1.19 -7.66 -16.37
C VAL A 203 -0.31 -7.74 -16.56
N ILE A 204 -0.84 -8.96 -16.64
CA ILE A 204 -2.27 -9.17 -16.84
C ILE A 204 -3.06 -8.52 -15.68
N ALA A 205 -2.65 -8.81 -14.45
CA ALA A 205 -3.32 -8.24 -13.28
C ALA A 205 -3.20 -6.70 -13.20
N HIS A 206 -2.02 -6.17 -13.50
CA HIS A 206 -1.83 -4.70 -13.49
C HIS A 206 -2.62 -3.95 -14.56
N GLU A 207 -2.84 -4.62 -15.69
CA GLU A 207 -3.68 -4.07 -16.76
C GLU A 207 -5.14 -3.95 -16.33
N GLN A 208 -5.62 -4.95 -15.59
CA GLN A 208 -6.98 -4.93 -15.06
C GLN A 208 -7.14 -3.82 -14.02
N ARG A 209 -6.11 -3.65 -13.20
CA ARG A 209 -6.07 -2.64 -12.16
C ARG A 209 -6.10 -1.27 -12.82
N LEU A 210 -5.34 -1.13 -13.90
CA LEU A 210 -5.29 0.10 -14.67
C LEU A 210 -6.66 0.50 -15.23
N LEU A 211 -7.34 -0.47 -15.83
CA LEU A 211 -8.66 -0.29 -16.42
C LEU A 211 -9.67 0.18 -15.37
N ILE A 212 -9.63 -0.42 -14.18
CA ILE A 212 -10.54 -0.05 -13.10
C ILE A 212 -10.19 1.33 -12.53
N ALA A 213 -8.89 1.64 -12.46
CA ALA A 213 -8.42 2.95 -12.01
C ALA A 213 -8.95 4.04 -12.92
N LYS A 214 -8.86 3.80 -14.23
CA LYS A 214 -9.41 4.74 -15.23
C LYS A 214 -10.93 4.89 -15.11
N GLU A 215 -11.60 3.80 -14.79
CA GLU A 215 -13.05 3.80 -14.64
C GLU A 215 -13.51 4.72 -13.49
N PHE A 216 -12.78 4.68 -12.38
CA PHE A 216 -13.08 5.49 -11.20
C PHE A 216 -12.52 6.91 -11.26
N GLY A 217 -11.64 7.17 -12.24
CA GLY A 217 -10.94 8.44 -12.31
C GLY A 217 -9.90 8.54 -11.20
N ASP A 218 -9.40 7.38 -10.77
CA ASP A 218 -8.44 7.25 -9.68
C ASP A 218 -7.02 7.42 -10.22
N LYS A 219 -6.53 8.65 -10.20
CA LYS A 219 -5.23 9.01 -10.80
C LYS A 219 -4.02 8.41 -10.11
N ALA A 220 -4.08 8.35 -8.78
CA ALA A 220 -3.03 7.70 -7.98
C ALA A 220 -2.88 6.21 -8.34
N ALA A 221 -4.01 5.51 -8.48
CA ALA A 221 -4.03 4.10 -8.85
C ALA A 221 -3.53 3.88 -10.27
N GLU A 222 -3.94 4.77 -11.18
CA GLU A 222 -3.44 4.76 -12.55
C GLU A 222 -1.91 4.87 -12.57
N ARG A 223 -1.37 5.82 -11.83
CA ARG A 223 0.08 6.01 -11.77
C ARG A 223 0.81 4.75 -11.27
N ARG A 224 0.35 4.21 -10.14
CA ARG A 224 0.87 2.95 -9.60
C ARG A 224 0.92 1.84 -10.65
N ALA A 225 -0.19 1.62 -11.33
CA ALA A 225 -0.32 0.57 -12.34
C ALA A 225 0.70 0.70 -13.48
N TYR A 226 0.85 1.93 -14.02
CA TYR A 226 1.87 2.18 -15.06
C TYR A 226 3.29 1.87 -14.55
N SER A 227 3.57 2.33 -13.34
CA SER A 227 4.87 2.09 -12.72
C SER A 227 5.13 0.59 -12.55
N ASN A 228 4.15 -0.10 -11.98
CA ASN A 228 4.21 -1.55 -11.80
C ASN A 228 4.34 -2.29 -13.11
N LEU A 229 3.66 -1.80 -14.13
CA LEU A 229 3.74 -2.40 -15.47
C LEU A 229 5.14 -2.24 -16.07
N GLY A 230 5.70 -1.03 -15.95
CA GLY A 230 7.08 -0.78 -16.36
C GLY A 230 8.04 -1.76 -15.71
N ASN A 231 7.91 -1.94 -14.40
CA ASN A 231 8.78 -2.83 -13.64
C ASN A 231 8.73 -4.24 -14.20
N ALA A 232 7.51 -4.73 -14.42
CA ALA A 232 7.31 -6.07 -14.94
C ALA A 232 7.95 -6.28 -16.32
N TYR A 233 7.86 -5.26 -17.18
CA TYR A 233 8.42 -5.35 -18.54
C TYR A 233 9.94 -5.30 -18.57
N ILE A 234 10.53 -4.54 -17.66
CA ILE A 234 11.97 -4.56 -17.45
C ILE A 234 12.43 -6.01 -17.26
N PHE A 235 11.77 -6.73 -16.37
CA PHE A 235 12.15 -8.11 -16.07
C PHE A 235 11.80 -9.11 -17.17
N LEU A 236 10.95 -8.68 -18.10
CA LEU A 236 10.65 -9.50 -19.29
C LEU A 236 11.64 -9.26 -20.44
N GLY A 237 12.49 -8.25 -20.29
CA GLY A 237 13.49 -7.93 -21.30
C GLY A 237 12.90 -7.03 -22.38
N GLU A 238 11.68 -6.56 -22.14
CA GLU A 238 11.01 -5.69 -23.09
C GLU A 238 11.16 -4.24 -22.64
N PHE A 239 12.34 -3.68 -22.92
CA PHE A 239 12.74 -2.37 -22.40
C PHE A 239 12.03 -1.20 -23.07
N GLU A 240 11.67 -1.36 -24.35
CA GLU A 240 10.94 -0.31 -25.06
C GLU A 240 9.57 -0.10 -24.42
N THR A 241 8.85 -1.21 -24.20
CA THR A 241 7.54 -1.18 -23.55
C THR A 241 7.61 -0.55 -22.15
N ALA A 242 8.65 -0.87 -21.38
CA ALA A 242 8.87 -0.28 -20.06
C ALA A 242 9.00 1.24 -20.11
N SER A 243 9.79 1.76 -21.06
CA SER A 243 9.99 3.20 -21.15
C SER A 243 8.64 3.91 -21.39
N GLU A 244 7.78 3.29 -22.19
CA GLU A 244 6.44 3.79 -22.45
C GLU A 244 5.64 3.97 -21.15
N TYR A 245 5.59 2.93 -20.33
CA TYR A 245 4.85 3.00 -19.08
C TYR A 245 5.53 3.93 -18.08
N TYR A 246 6.85 3.86 -17.99
CA TYR A 246 7.60 4.81 -17.16
C TYR A 246 7.32 6.27 -17.55
N LYS A 247 7.18 6.54 -18.85
CA LYS A 247 6.80 7.87 -19.34
C LYS A 247 5.39 8.30 -18.92
N LYS A 248 4.46 7.35 -18.89
CA LYS A 248 3.08 7.62 -18.48
C LYS A 248 3.00 7.91 -16.99
N THR A 249 3.80 7.21 -16.17
CA THR A 249 3.89 7.52 -14.74
C THR A 249 4.41 8.95 -14.54
N LEU A 250 5.41 9.33 -15.34
CA LEU A 250 6.04 10.65 -15.28
C LEU A 250 5.07 11.80 -15.54
N LEU A 251 4.19 11.60 -16.52
CA LEU A 251 3.16 12.57 -16.89
C LEU A 251 2.21 12.83 -15.73
N LEU A 252 1.73 11.75 -15.12
CA LEU A 252 0.78 11.83 -14.01
C LEU A 252 1.42 12.35 -12.73
N ALA A 253 2.68 12.00 -12.51
CA ALA A 253 3.44 12.48 -11.37
C ALA A 253 3.53 14.02 -11.40
N ARG A 254 3.74 14.57 -12.60
CA ARG A 254 3.77 16.01 -12.83
C ARG A 254 2.39 16.66 -12.68
N GLN A 255 1.38 16.02 -13.26
CA GLN A 255 0.00 16.51 -13.16
C GLN A 255 -0.51 16.50 -11.72
N LEU A 256 -0.13 15.48 -10.95
CA LEU A 256 -0.53 15.37 -9.54
C LEU A 256 0.43 16.10 -8.59
N LYS A 257 1.40 16.80 -9.16
CA LYS A 257 2.44 17.52 -8.41
C LYS A 257 3.05 16.70 -7.27
N ASP A 258 3.41 15.45 -7.58
CA ASP A 258 4.06 14.54 -6.64
C ASP A 258 5.52 14.39 -7.02
N ARG A 259 6.36 15.22 -6.43
CA ARG A 259 7.78 15.33 -6.79
C ARG A 259 8.63 14.07 -6.57
N ALA A 260 8.36 13.37 -5.47
CA ALA A 260 9.10 12.15 -5.15
C ALA A 260 8.90 11.05 -6.21
N VAL A 261 7.64 10.82 -6.60
CA VAL A 261 7.31 9.88 -7.68
C VAL A 261 7.85 10.39 -9.03
N GLU A 262 7.75 11.70 -9.24
CA GLU A 262 8.31 12.34 -10.43
C GLU A 262 9.80 12.04 -10.56
N ALA A 263 10.51 12.10 -9.44
CA ALA A 263 11.96 11.80 -9.39
C ALA A 263 12.28 10.35 -9.71
N GLN A 264 11.51 9.43 -9.14
CA GLN A 264 11.73 7.99 -9.38
C GLN A 264 11.49 7.61 -10.84
N SER A 265 10.43 8.16 -11.44
CA SER A 265 10.13 7.94 -12.86
C SER A 265 11.35 8.25 -13.71
N CYS A 266 11.95 9.42 -13.49
CA CYS A 266 13.15 9.85 -14.18
C CYS A 266 14.31 8.87 -14.00
N TYR A 267 14.54 8.41 -12.77
CA TYR A 267 15.62 7.45 -12.52
C TYR A 267 15.40 6.12 -13.23
N SER A 268 14.20 5.55 -13.15
CA SER A 268 13.91 4.30 -13.86
C SER A 268 13.93 4.45 -15.38
N LEU A 269 13.49 5.61 -15.88
CA LEU A 269 13.64 5.94 -17.31
C LEU A 269 15.12 6.01 -17.74
N GLY A 270 15.95 6.68 -16.93
CA GLY A 270 17.39 6.75 -17.17
C GLY A 270 18.02 5.36 -17.30
N ASN A 271 17.62 4.46 -16.40
CA ASN A 271 18.08 3.07 -16.40
C ASN A 271 17.56 2.21 -17.53
N THR A 272 16.32 2.47 -17.95
CA THR A 272 15.75 1.76 -19.09
C THR A 272 16.51 2.16 -20.36
N TYR A 273 16.82 3.44 -20.47
CA TYR A 273 17.59 3.92 -21.61
C TYR A 273 19.06 3.46 -21.58
N THR A 274 19.57 3.18 -20.39
CA THR A 274 20.90 2.59 -20.22
C THR A 274 20.88 1.15 -20.75
N LEU A 275 19.79 0.45 -20.49
CA LEU A 275 19.60 -0.93 -20.93
C LEU A 275 19.23 -0.99 -22.42
N LEU A 276 18.82 0.16 -22.96
CA LEU A 276 18.56 0.34 -24.39
C LEU A 276 19.70 1.07 -25.12
N GLN A 277 20.79 1.32 -24.39
CA GLN A 277 22.02 1.91 -24.96
C GLN A 277 21.93 3.40 -25.34
N ASP A 278 20.74 3.99 -25.26
CA ASP A 278 20.56 5.42 -25.51
C ASP A 278 21.06 6.25 -24.33
N TYR A 279 22.39 6.41 -24.29
CA TYR A 279 23.05 7.02 -23.14
C TYR A 279 22.73 8.51 -22.98
N GLU A 280 22.43 9.20 -24.07
CA GLU A 280 22.11 10.64 -24.03
C GLU A 280 20.74 10.89 -23.38
N LYS A 281 19.78 10.04 -23.74
CA LYS A 281 18.47 10.07 -23.08
C LYS A 281 18.61 9.74 -21.59
N ALA A 282 19.50 8.80 -21.28
CA ALA A 282 19.79 8.43 -19.89
C ALA A 282 20.24 9.61 -19.03
N ILE A 283 21.20 10.39 -19.54
CA ILE A 283 21.72 11.56 -18.85
C ILE A 283 20.61 12.57 -18.55
N ASP A 284 19.79 12.86 -19.55
CA ASP A 284 18.72 13.85 -19.41
C ASP A 284 17.79 13.51 -18.26
N TYR A 285 17.34 12.25 -18.20
CA TYR A 285 16.43 11.81 -17.15
C TYR A 285 17.12 11.76 -15.78
N HIS A 286 18.41 11.45 -15.77
CA HIS A 286 19.17 11.40 -14.52
C HIS A 286 19.38 12.76 -13.87
N LEU A 287 19.66 13.79 -14.67
CA LEU A 287 19.85 15.15 -14.13
C LEU A 287 18.56 15.79 -13.63
N LYS A 288 17.43 15.40 -14.22
CA LYS A 288 16.11 15.85 -13.76
C LYS A 288 15.77 15.20 -12.41
N HIS A 289 16.22 13.96 -12.26
CA HIS A 289 16.11 13.21 -11.00
C HIS A 289 17.07 13.80 -9.95
N LEU A 290 18.31 14.03 -10.35
CA LEU A 290 19.34 14.63 -9.48
C LEU A 290 18.85 15.94 -8.88
N ALA A 291 18.30 16.80 -9.74
CA ALA A 291 17.77 18.09 -9.33
C ALA A 291 16.61 17.96 -8.35
N ILE A 292 15.70 17.02 -8.62
CA ILE A 292 14.52 16.80 -7.79
C ILE A 292 14.89 16.30 -6.39
N ALA A 293 15.92 15.45 -6.31
CA ALA A 293 16.40 14.94 -5.03
C ALA A 293 17.10 16.03 -4.22
N GLN A 294 17.74 16.95 -4.92
CA GLN A 294 18.32 18.15 -4.32
C GLN A 294 17.23 19.06 -3.78
N GLU A 295 16.07 19.03 -4.43
CA GLU A 295 14.91 19.80 -4.01
C GLU A 295 14.26 19.19 -2.75
N LEU A 296 14.07 17.88 -2.75
CA LEU A 296 13.39 17.18 -1.66
C LEU A 296 14.32 16.84 -0.49
N LYS A 297 15.59 17.21 -0.62
CA LYS A 297 16.63 16.95 0.39
C LYS A 297 16.97 15.46 0.55
N ASP A 298 16.52 14.65 -0.42
CA ASP A 298 16.83 13.22 -0.43
C ASP A 298 18.28 13.00 -0.87
N ARG A 299 19.15 12.78 0.13
CA ARG A 299 20.58 12.62 -0.12
C ARG A 299 20.93 11.25 -0.71
N ILE A 300 20.17 10.22 -0.30
CA ILE A 300 20.38 8.84 -0.76
C ILE A 300 20.20 8.71 -2.27
N GLY A 301 19.11 9.28 -2.79
CA GLY A 301 18.84 9.30 -4.23
C GLY A 301 19.81 10.18 -4.99
N GLU A 302 20.25 11.27 -4.35
CA GLU A 302 21.23 12.18 -4.93
C GLU A 302 22.55 11.47 -5.24
N GLY A 303 22.94 10.57 -4.34
CA GLY A 303 24.13 9.73 -4.53
C GLY A 303 24.02 8.79 -5.71
N ARG A 304 22.86 8.13 -5.84
CA ARG A 304 22.60 7.20 -6.94
C ARG A 304 22.65 7.87 -8.31
N ALA A 305 22.15 9.10 -8.37
CA ALA A 305 22.16 9.91 -9.60
C ALA A 305 23.58 10.09 -10.13
N CYS A 306 24.50 10.41 -9.21
CA CYS A 306 25.90 10.64 -9.55
C CYS A 306 26.58 9.39 -10.11
N TRP A 307 26.37 8.25 -9.45
CA TRP A 307 26.97 6.98 -9.88
C TRP A 307 26.47 6.52 -11.25
N SER A 308 25.16 6.66 -11.47
CA SER A 308 24.54 6.27 -12.74
C SER A 308 25.08 7.12 -13.90
N LEU A 309 25.15 8.44 -13.69
CA LEU A 309 25.70 9.37 -14.68
C LEU A 309 27.12 8.99 -15.12
N GLY A 310 27.98 8.67 -14.15
CA GLY A 310 29.35 8.26 -14.41
C GLY A 310 29.46 7.05 -15.33
N ASN A 311 28.59 6.06 -15.10
CA ASN A 311 28.56 4.84 -15.91
C ASN A 311 28.18 5.08 -17.37
N ALA A 312 27.19 5.94 -17.59
CA ALA A 312 26.69 6.22 -18.93
C ALA A 312 27.72 6.94 -19.79
N TYR A 313 28.31 8.00 -19.25
CA TYR A 313 29.38 8.75 -19.92
C TYR A 313 30.55 7.86 -20.32
N THR A 314 30.82 6.83 -19.51
CA THR A 314 31.91 5.89 -19.75
C THR A 314 31.68 5.03 -21.01
N ALA A 315 30.42 4.73 -21.29
CA ALA A 315 30.08 4.00 -22.52
C ALA A 315 29.96 4.94 -23.72
N LEU A 316 29.90 6.24 -23.43
CA LEU A 316 29.85 7.27 -24.47
C LEU A 316 31.27 7.71 -24.89
N GLY A 317 32.15 7.87 -23.92
CA GLY A 317 33.53 8.29 -24.16
C GLY A 317 33.96 9.43 -23.27
N ASN A 318 32.98 10.25 -22.85
CA ASN A 318 33.22 11.44 -22.03
C ASN A 318 33.87 11.11 -20.67
N HIS A 319 35.20 11.12 -20.65
CA HIS A 319 35.97 10.78 -19.45
C HIS A 319 35.99 11.90 -18.42
N ASP A 320 35.82 13.13 -18.89
CA ASP A 320 35.93 14.34 -18.05
C ASP A 320 34.72 14.55 -17.14
N GLN A 321 33.51 14.38 -17.70
CA GLN A 321 32.28 14.51 -16.92
C GLN A 321 32.04 13.31 -16.01
N ALA A 322 32.51 12.14 -16.44
CA ALA A 322 32.47 10.93 -15.63
C ALA A 322 33.21 11.11 -14.30
N MET A 323 34.37 11.78 -14.36
CA MET A 323 35.15 12.11 -13.16
C MET A 323 34.47 13.18 -12.30
N HIS A 324 33.75 14.10 -12.94
CA HIS A 324 33.10 15.21 -12.25
C HIS A 324 32.01 14.75 -11.27
N PHE A 325 31.20 13.78 -11.68
CA PHE A 325 30.14 13.25 -10.83
C PHE A 325 30.65 12.21 -9.83
N ALA A 326 31.78 11.59 -10.14
CA ALA A 326 32.44 10.67 -9.22
C ALA A 326 32.97 11.39 -7.98
N GLU A 327 33.45 12.62 -8.18
CA GLU A 327 33.92 13.45 -7.07
C GLU A 327 32.75 14.02 -6.26
N LYS A 328 31.62 14.18 -6.93
CA LYS A 328 30.39 14.63 -6.27
C LYS A 328 29.71 13.48 -5.52
N HIS A 329 29.94 12.25 -6.01
CA HIS A 329 29.43 11.03 -5.38
C HIS A 329 30.16 10.71 -4.08
N LEU A 330 31.47 11.00 -4.05
CA LEU A 330 32.28 10.81 -2.86
C LEU A 330 31.87 11.75 -1.72
N GLU A 331 31.51 12.98 -2.08
CA GLU A 331 31.11 14.01 -1.11
C GLU A 331 29.85 13.64 -0.30
N ILE A 332 28.90 12.97 -0.95
CA ILE A 332 27.68 12.51 -0.30
C ILE A 332 27.79 11.06 0.14
N PHE B 4 18.18 -3.01 -11.00
CA PHE B 4 18.35 -1.61 -10.52
C PHE B 4 17.25 -1.17 -9.56
N TYR B 5 17.55 -0.15 -8.75
CA TYR B 5 16.61 0.40 -7.78
C TYR B 5 15.38 1.00 -8.46
N MET B 6 14.19 0.65 -7.97
CA MET B 6 12.94 1.07 -8.59
C MET B 6 12.01 1.85 -7.64
N GLY B 7 12.47 2.06 -6.41
CA GLY B 7 11.67 2.75 -5.39
C GLY B 7 10.78 1.79 -4.64
N THR B 8 9.79 2.34 -3.93
CA THR B 8 8.82 1.51 -3.23
C THR B 8 7.87 0.89 -4.25
N CYS B 9 7.73 -0.43 -4.18
CA CYS B 9 6.96 -1.28 -5.10
C CYS B 9 5.61 -0.73 -5.61
N GLN B 10 5.03 0.22 -4.88
CA GLN B 10 3.71 0.78 -5.20
C GLN B 10 2.58 -0.23 -5.03
N ASP B 11 2.48 -0.76 -3.81
CA ASP B 11 1.37 -1.60 -3.41
C ASP B 11 0.13 -0.74 -3.22
N GLU B 12 -1.04 -1.38 -3.16
CA GLU B 12 -2.27 -0.69 -2.83
C GLU B 12 -2.19 -0.07 -1.43
N PRO B 13 -2.56 1.20 -1.28
CA PRO B 13 -2.60 1.73 0.08
C PRO B 13 -3.62 0.99 0.92
N GLU B 14 -3.47 1.05 2.24
CA GLU B 14 -4.44 0.44 3.15
C GLU B 14 -5.83 1.06 2.97
N GLN B 15 -6.86 0.23 3.11
CA GLN B 15 -8.22 0.60 2.74
C GLN B 15 -9.17 0.52 3.93
N LEU B 16 -9.81 1.66 4.22
CA LEU B 16 -10.76 1.71 5.31
C LEU B 16 -12.12 2.22 4.85
N ASP B 17 -13.05 1.28 4.70
CA ASP B 17 -14.37 1.54 4.15
C ASP B 17 -15.41 1.71 5.26
N ASP B 18 -14.95 2.05 6.46
CA ASP B 18 -15.77 1.90 7.65
C ASP B 18 -15.97 3.17 8.50
N TRP B 19 -16.01 4.33 7.84
CA TRP B 19 -16.23 5.61 8.56
C TRP B 19 -17.72 5.98 8.75
N ASN B 20 -18.61 5.00 8.66
CA ASN B 20 -20.03 5.23 8.91
C ASN B 20 -20.58 4.37 10.05
N ARG B 21 -19.69 3.60 10.70
CA ARG B 21 -20.08 2.60 11.68
C ARG B 21 -20.96 3.18 12.81
N ILE B 22 -20.41 4.16 13.54
CA ILE B 22 -21.12 4.84 14.61
C ILE B 22 -22.46 5.43 14.14
N ALA B 23 -22.44 6.04 12.93
CA ALA B 23 -23.64 6.63 12.33
C ALA B 23 -24.69 5.59 11.90
N GLU B 24 -24.25 4.34 11.71
CA GLU B 24 -25.16 3.25 11.37
C GLU B 24 -25.60 2.46 12.61
N LEU B 25 -25.14 2.90 13.78
CA LEU B 25 -25.42 2.20 15.05
C LEU B 25 -26.67 2.77 15.75
C1 GOL C . -8.81 -19.87 2.32
O1 GOL C . -10.22 -19.80 2.15
C2 GOL C . -8.39 -20.34 3.72
O2 GOL C . -9.51 -20.56 4.56
C3 GOL C . -7.52 -19.26 4.35
O3 GOL C . -6.44 -19.82 5.05
C1 GOL D . -7.20 -0.39 8.45
O1 GOL D . -6.06 -1.14 8.12
C2 GOL D . -7.81 -1.04 9.68
O2 GOL D . -8.01 -2.40 9.37
C3 GOL D . -6.80 -0.94 10.81
O3 GOL D . -7.23 0.04 11.74
C1 GOL E . 2.13 -5.28 1.85
O1 GOL E . 2.78 -5.13 0.61
C2 GOL E . 0.75 -5.90 1.64
O2 GOL E . 0.30 -5.65 0.33
C3 GOL E . -0.18 -5.27 2.66
O3 GOL E . -1.23 -4.55 2.04
#